data_4XUA
#
_entry.id   4XUA
#
_cell.length_a   81.640
_cell.length_b   96.010
_cell.length_c   57.830
_cell.angle_alpha   90.00
_cell.angle_beta   90.00
_cell.angle_gamma   90.00
#
_symmetry.space_group_name_H-M   'C 2 2 21'
#
loop_
_entity.id
_entity.type
_entity.pdbx_description
1 polymer 'Bromodomain adjacent to zinc finger domain protein 2B'
2 non-polymer 1,2-ETHANEDIOL
3 non-polymer 4-{1-[2-(4-methyl-1H-1,2,3-triazol-1-yl)ethyl]-4-phenyl-1H-imidazol-5-yl}benzonitrile
4 water water
#
_entity_poly.entity_id   1
_entity_poly.type   'polypeptide(L)'
_entity_poly.pdbx_seq_one_letter_code
;SMSVKKPKRDDSKDLALCSMILTEMETHEDAWPFLLPVNLKLVPGYKKVIKKPMDFSTIREKLSSGQYPNLETFALDVRL
VFDNCETFNEDDSDIGRAGHNMRKYFEKKWTDTFKVS
;
_entity_poly.pdbx_strand_id   A
#
loop_
_chem_comp.id
_chem_comp.type
_chem_comp.name
_chem_comp.formula
43C non-polymer 4-{1-[2-(4-methyl-1H-1,2,3-triazol-1-yl)ethyl]-4-phenyl-1H-imidazol-5-yl}benzonitrile 'C21 H18 N6'
EDO non-polymer 1,2-ETHANEDIOL 'C2 H6 O2'
#
# COMPACT_ATOMS: atom_id res chain seq x y z
N SER A 1 -3.19 -24.54 -19.49
CA SER A 1 -2.63 -25.83 -19.03
C SER A 1 -1.35 -26.11 -19.84
N MET A 2 -0.78 -27.28 -19.65
CA MET A 2 0.50 -27.63 -20.28
C MET A 2 0.42 -27.40 -21.79
N SER A 3 1.26 -26.48 -22.28
CA SER A 3 1.28 -26.14 -23.71
C SER A 3 0.03 -25.36 -24.21
N VAL A 4 -0.70 -24.71 -23.30
CA VAL A 4 -1.90 -23.96 -23.67
C VAL A 4 -1.83 -22.71 -22.86
N LYS A 5 -1.35 -21.66 -23.50
CA LYS A 5 -1.10 -20.41 -22.80
C LYS A 5 -2.09 -19.37 -23.20
N LYS A 6 -2.68 -18.74 -22.18
CA LYS A 6 -3.55 -17.61 -22.37
CA LYS A 6 -3.55 -17.61 -22.37
C LYS A 6 -2.67 -16.42 -22.72
N PRO A 7 -3.13 -15.57 -23.65
CA PRO A 7 -2.33 -14.37 -23.83
C PRO A 7 -2.25 -13.68 -22.48
N LYS A 8 -1.13 -13.05 -22.20
CA LYS A 8 -1.04 -12.32 -20.94
C LYS A 8 -0.59 -10.88 -21.12
N ARG A 9 -1.09 -10.05 -20.22
CA ARG A 9 -0.82 -8.63 -20.27
C ARG A 9 0.65 -8.36 -20.25
N ASP A 10 1.04 -7.27 -20.89
CA ASP A 10 2.41 -6.81 -20.94
C ASP A 10 2.76 -6.26 -19.55
N ASP A 11 3.59 -6.96 -18.80
CA ASP A 11 4.02 -6.50 -17.46
C ASP A 11 5.33 -5.71 -17.45
N SER A 12 5.86 -5.35 -18.63
CA SER A 12 7.23 -4.81 -18.72
C SER A 12 7.40 -3.47 -17.97
N LYS A 13 6.32 -2.69 -17.90
CA LYS A 13 6.31 -1.35 -17.28
C LYS A 13 5.89 -1.33 -15.83
N ASP A 14 5.59 -2.50 -15.26
CA ASP A 14 4.96 -2.54 -13.97
C ASP A 14 5.80 -1.94 -12.85
N LEU A 15 7.10 -2.23 -12.85
CA LEU A 15 8.00 -1.68 -11.82
C LEU A 15 7.98 -0.15 -11.78
N ALA A 16 8.21 0.46 -12.95
CA ALA A 16 8.16 1.94 -13.09
C ALA A 16 6.79 2.52 -12.70
N LEU A 17 5.72 1.85 -13.11
CA LEU A 17 4.40 2.35 -12.77
C LEU A 17 4.09 2.26 -11.28
N CYS A 18 4.43 1.14 -10.66
CA CYS A 18 4.28 1.00 -9.20
C CYS A 18 5.14 2.01 -8.43
N SER A 19 6.37 2.24 -8.90
CA SER A 19 7.23 3.24 -8.30
CA SER A 19 7.24 3.26 -8.31
C SER A 19 6.59 4.63 -8.36
N MET A 20 6.01 4.99 -9.51
CA MET A 20 5.31 6.28 -9.70
C MET A 20 4.13 6.41 -8.76
N ILE A 21 3.33 5.35 -8.66
CA ILE A 21 2.20 5.36 -7.72
C ILE A 21 2.68 5.54 -6.29
N LEU A 22 3.73 4.82 -5.95
CA LEU A 22 4.27 4.95 -4.63
C LEU A 22 4.78 6.36 -4.34
N THR A 23 5.48 6.96 -5.29
CA THR A 23 5.94 8.36 -5.17
C THR A 23 4.77 9.30 -4.90
N GLU A 24 3.69 9.12 -5.65
CA GLU A 24 2.49 9.93 -5.49
C GLU A 24 1.89 9.75 -4.09
N MET A 25 1.87 8.52 -3.60
CA MET A 25 1.37 8.25 -2.26
C MET A 25 2.31 8.88 -1.23
N GLU A 26 3.63 8.73 -1.40
CA GLU A 26 4.61 9.31 -0.45
C GLU A 26 4.50 10.84 -0.31
N THR A 27 4.08 11.53 -1.36
CA THR A 27 4.02 13.00 -1.37
C THR A 27 2.60 13.57 -1.10
N HIS A 28 1.63 12.70 -0.85
CA HIS A 28 0.29 13.14 -0.49
C HIS A 28 0.36 13.78 0.88
N GLU A 29 -0.35 14.88 1.08
CA GLU A 29 -0.32 15.51 2.42
C GLU A 29 -0.83 14.62 3.57
N ASP A 30 -1.71 13.65 3.27
CA ASP A 30 -2.25 12.76 4.29
C ASP A 30 -1.43 11.47 4.47
N ALA A 31 -0.25 11.42 3.90
CA ALA A 31 0.61 10.25 3.97
C ALA A 31 1.36 10.16 5.29
N TRP A 32 1.35 11.23 6.09
CA TRP A 32 2.23 11.28 7.31
C TRP A 32 2.10 10.13 8.28
N PRO A 33 0.91 9.52 8.46
CA PRO A 33 0.89 8.37 9.41
C PRO A 33 1.59 7.11 8.92
N PHE A 34 1.92 7.07 7.61
CA PHE A 34 2.29 5.84 6.88
C PHE A 34 3.71 5.87 6.32
N LEU A 35 4.43 6.95 6.57
CA LEU A 35 5.73 7.12 5.91
C LEU A 35 6.80 6.20 6.45
N LEU A 36 6.73 5.88 7.73
CA LEU A 36 7.76 5.06 8.43
C LEU A 36 7.06 4.00 9.26
N PRO A 37 7.78 2.93 9.63
CA PRO A 37 7.19 1.96 10.53
C PRO A 37 6.75 2.58 11.86
N VAL A 38 5.62 2.09 12.35
CA VAL A 38 5.11 2.50 13.65
C VAL A 38 6.11 2.14 14.70
N ASN A 39 6.40 3.11 15.55
CA ASN A 39 7.35 2.93 16.66
C ASN A 39 6.67 2.18 17.82
N LEU A 40 7.06 0.94 17.99
CA LEU A 40 6.43 0.10 19.01
C LEU A 40 6.56 0.57 20.47
N LYS A 41 7.34 1.62 20.75
CA LYS A 41 7.46 2.20 22.10
C LYS A 41 6.51 3.38 22.30
N LEU A 42 6.22 4.09 21.23
CA LEU A 42 5.31 5.20 21.27
C LEU A 42 3.87 4.72 21.15
N VAL A 43 3.67 3.49 20.63
CA VAL A 43 2.33 3.09 20.28
C VAL A 43 1.95 1.82 21.00
N PRO A 44 1.45 1.97 22.26
CA PRO A 44 0.93 0.86 23.06
C PRO A 44 -0.17 0.17 22.29
N GLY A 45 0.02 -1.15 22.16
CA GLY A 45 -0.91 -2.06 21.54
C GLY A 45 -0.53 -2.53 20.15
N TYR A 46 0.26 -1.76 19.40
CA TYR A 46 0.41 -2.05 17.97
CA TYR A 46 0.46 -2.02 18.01
C TYR A 46 1.13 -3.37 17.76
N LYS A 47 2.09 -3.68 18.63
CA LYS A 47 2.88 -4.90 18.52
C LYS A 47 2.01 -6.16 18.53
N LYS A 48 1.06 -6.22 19.46
CA LYS A 48 0.29 -7.43 19.65
C LYS A 48 -0.83 -7.47 18.64
N VAL A 49 -1.46 -6.32 18.38
CA VAL A 49 -2.68 -6.28 17.60
C VAL A 49 -2.42 -6.45 16.10
N ILE A 50 -1.35 -5.83 15.57
CA ILE A 50 -1.11 -5.77 14.10
C ILE A 50 -0.06 -6.81 13.75
N LYS A 51 -0.55 -7.92 13.21
CA LYS A 51 0.27 -9.10 13.00
C LYS A 51 1.28 -8.90 11.89
N LYS A 52 0.97 -8.07 10.91
CA LYS A 52 1.83 -7.86 9.74
C LYS A 52 1.96 -6.36 9.51
N PRO A 53 2.85 -5.70 10.28
CA PRO A 53 3.04 -4.27 10.07
C PRO A 53 3.51 -3.97 8.65
N MET A 54 3.07 -2.83 8.16
CA MET A 54 3.58 -2.33 6.86
C MET A 54 3.48 -0.83 6.83
N ASP A 55 4.33 -0.22 6.00
CA ASP A 55 4.42 1.24 5.88
C ASP A 55 5.05 1.54 4.53
N PHE A 56 4.94 2.79 4.07
CA PHE A 56 5.41 3.17 2.73
C PHE A 56 6.92 3.03 2.55
N SER A 57 7.71 3.28 3.58
CA SER A 57 9.15 3.16 3.47
C SER A 57 9.59 1.69 3.32
N THR A 58 8.86 0.78 3.96
CA THR A 58 9.15 -0.65 3.82
C THR A 58 8.74 -1.14 2.43
N ILE A 59 7.60 -0.66 1.95
CA ILE A 59 7.22 -0.96 0.56
C ILE A 59 8.27 -0.44 -0.45
N ARG A 60 8.74 0.79 -0.25
CA ARG A 60 9.75 1.40 -1.13
C ARG A 60 11.03 0.55 -1.13
N GLU A 61 11.45 0.13 0.04
CA GLU A 61 12.63 -0.72 0.15
C GLU A 61 12.47 -2.01 -0.59
N LYS A 62 11.33 -2.67 -0.40
CA LYS A 62 11.00 -3.94 -1.06
C LYS A 62 10.92 -3.77 -2.60
N LEU A 63 10.29 -2.69 -3.06
CA LEU A 63 10.23 -2.38 -4.46
C LEU A 63 11.60 -2.12 -5.09
N SER A 64 12.47 -1.40 -4.40
CA SER A 64 13.81 -1.07 -4.87
C SER A 64 14.76 -2.28 -4.87
N SER A 65 14.35 -3.36 -4.20
CA SER A 65 15.25 -4.48 -3.98
C SER A 65 14.69 -5.80 -4.55
N GLY A 66 13.69 -5.71 -5.45
CA GLY A 66 13.22 -6.89 -6.15
C GLY A 66 12.44 -7.88 -5.31
N GLN A 67 11.80 -7.41 -4.24
CA GLN A 67 11.07 -8.30 -3.34
C GLN A 67 9.58 -8.40 -3.63
N TYR A 68 9.12 -7.71 -4.67
CA TYR A 68 7.75 -7.96 -5.22
C TYR A 68 7.82 -8.76 -6.53
N PRO A 69 7.32 -10.01 -6.51
CA PRO A 69 7.30 -10.84 -7.68
C PRO A 69 6.46 -10.29 -8.80
N ASN A 70 5.38 -9.59 -8.42
CA ASN A 70 4.46 -9.04 -9.39
C ASN A 70 3.67 -7.86 -8.84
N LEU A 71 2.91 -7.23 -9.73
CA LEU A 71 2.22 -6.02 -9.26
CA LEU A 71 1.97 -6.11 -9.42
C LEU A 71 1.13 -6.32 -8.19
N GLU A 72 0.55 -7.51 -8.15
CA GLU A 72 -0.46 -7.81 -7.16
C GLU A 72 0.12 -7.88 -5.76
N THR A 73 1.36 -8.38 -5.66
CA THR A 73 2.00 -8.49 -4.35
C THR A 73 2.28 -7.09 -3.83
N PHE A 74 2.56 -6.18 -4.74
CA PHE A 74 2.75 -4.80 -4.37
C PHE A 74 1.44 -4.18 -3.84
N ALA A 75 0.36 -4.36 -4.60
CA ALA A 75 -0.92 -3.80 -4.18
C ALA A 75 -1.36 -4.37 -2.81
N LEU A 76 -1.12 -5.66 -2.59
CA LEU A 76 -1.41 -6.30 -1.30
C LEU A 76 -0.74 -5.59 -0.12
N ASP A 77 0.54 -5.24 -0.26
CA ASP A 77 1.25 -4.49 0.78
C ASP A 77 0.72 -3.07 0.96
N VAL A 78 0.35 -2.39 -0.12
CA VAL A 78 -0.25 -1.05 0.00
C VAL A 78 -1.56 -1.18 0.81
N ARG A 79 -2.43 -2.11 0.39
CA ARG A 79 -3.74 -2.30 1.02
C ARG A 79 -3.57 -2.69 2.50
N LEU A 80 -2.52 -3.45 2.80
CA LEU A 80 -2.21 -3.87 4.19
C LEU A 80 -1.96 -2.63 5.08
N VAL A 81 -1.27 -1.62 4.54
CA VAL A 81 -1.13 -0.35 5.26
C VAL A 81 -2.48 0.18 5.73
N PHE A 82 -3.44 0.26 4.80
CA PHE A 82 -4.72 0.83 5.07
C PHE A 82 -5.61 -0.08 5.91
N ASP A 83 -5.49 -1.39 5.71
CA ASP A 83 -6.24 -2.34 6.51
C ASP A 83 -5.77 -2.30 7.96
N ASN A 84 -4.45 -2.26 8.18
CA ASN A 84 -3.90 -2.12 9.53
C ASN A 84 -4.34 -0.82 10.20
N CYS A 85 -4.35 0.26 9.42
CA CYS A 85 -4.84 1.54 9.90
C CYS A 85 -6.27 1.49 10.40
N GLU A 86 -7.13 0.86 9.61
CA GLU A 86 -8.53 0.69 10.03
C GLU A 86 -8.69 -0.20 11.25
N THR A 87 -7.89 -1.25 11.35
CA THR A 87 -7.95 -2.12 12.52
C THR A 87 -7.63 -1.34 13.83
N PHE A 88 -6.68 -0.40 13.73
CA PHE A 88 -6.10 0.20 14.92
C PHE A 88 -6.67 1.57 15.28
N ASN A 89 -7.30 2.24 14.29
CA ASN A 89 -7.74 3.62 14.41
C ASN A 89 -9.24 3.79 14.14
N GLU A 90 -9.88 4.64 14.93
CA GLU A 90 -11.28 4.99 14.71
C GLU A 90 -11.38 5.76 13.38
N ASP A 91 -12.44 5.48 12.61
N ASP A 91 -12.46 5.53 12.62
CA ASP A 91 -12.70 6.17 11.34
CA ASP A 91 -12.72 6.27 11.38
C ASP A 91 -12.67 7.67 11.59
C ASP A 91 -12.74 7.77 11.71
N ASP A 92 -13.15 8.08 12.76
N ASP A 92 -13.31 8.10 12.86
CA ASP A 92 -13.29 9.50 13.09
CA ASP A 92 -13.36 9.48 13.34
C ASP A 92 -11.99 10.20 13.49
C ASP A 92 -12.13 9.84 14.18
N SER A 93 -10.89 9.45 13.62
N SER A 93 -10.99 9.80 13.51
CA SER A 93 -9.65 10.08 14.05
CA SER A 93 -9.74 10.24 14.09
C SER A 93 -8.95 10.71 12.86
C SER A 93 -8.95 10.73 12.90
N ASP A 94 -7.98 11.58 13.12
N ASP A 94 -7.96 11.58 13.15
CA ASP A 94 -7.16 12.13 12.03
CA ASP A 94 -7.15 12.12 12.04
C ASP A 94 -6.46 11.00 11.26
C ASP A 94 -6.43 11.02 11.26
N ILE A 95 -5.82 10.08 11.97
CA ILE A 95 -5.12 8.95 11.31
C ILE A 95 -6.13 8.05 10.56
N GLY A 96 -7.29 7.82 11.15
CA GLY A 96 -8.35 7.01 10.51
C GLY A 96 -8.82 7.62 9.19
N ARG A 97 -9.08 8.91 9.23
CA ARG A 97 -9.47 9.70 8.07
C ARG A 97 -8.37 9.73 7.03
N ALA A 98 -7.12 9.86 7.50
CA ALA A 98 -5.98 9.80 6.58
C ALA A 98 -5.93 8.51 5.81
N GLY A 99 -6.13 7.40 6.50
CA GLY A 99 -6.08 6.10 5.87
C GLY A 99 -7.19 5.90 4.85
N HIS A 100 -8.39 6.31 5.19
CA HIS A 100 -9.48 6.25 4.22
C HIS A 100 -9.16 7.05 2.96
N ASN A 101 -8.68 8.28 3.13
CA ASN A 101 -8.34 9.14 2.00
C ASN A 101 -7.25 8.52 1.12
N MET A 102 -6.19 8.03 1.78
CA MET A 102 -5.08 7.42 1.05
C MET A 102 -5.49 6.16 0.31
N ARG A 103 -6.38 5.37 0.89
CA ARG A 103 -6.89 4.19 0.23
C ARG A 103 -7.64 4.58 -1.05
N LYS A 104 -8.53 5.58 -0.96
CA LYS A 104 -9.30 6.04 -2.11
C LYS A 104 -8.36 6.56 -3.20
N TYR A 105 -7.37 7.32 -2.75
CA TYR A 105 -6.39 7.87 -3.64
C TYR A 105 -5.62 6.76 -4.41
N PHE A 106 -5.17 5.76 -3.65
CA PHE A 106 -4.44 4.63 -4.24
C PHE A 106 -5.29 3.88 -5.24
N GLU A 107 -6.51 3.55 -4.85
CA GLU A 107 -7.30 2.65 -5.66
C GLU A 107 -7.66 3.25 -7.03
N LYS A 108 -7.90 4.56 -7.07
CA LYS A 108 -8.16 5.26 -8.33
C LYS A 108 -6.89 5.19 -9.20
N LYS A 109 -5.71 5.44 -8.61
CA LYS A 109 -4.48 5.32 -9.40
C LYS A 109 -4.28 3.91 -9.92
N TRP A 110 -4.57 2.95 -9.07
CA TRP A 110 -4.47 1.54 -9.43
C TRP A 110 -5.32 1.17 -10.61
N THR A 111 -6.61 1.49 -10.53
CA THR A 111 -7.57 1.25 -11.60
CA THR A 111 -7.55 1.23 -11.61
C THR A 111 -7.19 2.01 -12.88
N ASP A 112 -6.87 3.28 -12.73
CA ASP A 112 -6.50 4.09 -13.90
C ASP A 112 -5.25 3.59 -14.62
N THR A 113 -4.30 3.07 -13.86
CA THR A 113 -2.98 2.71 -14.38
C THR A 113 -2.99 1.32 -14.99
N PHE A 114 -3.69 0.39 -14.34
CA PHE A 114 -3.60 -1.02 -14.74
C PHE A 114 -4.91 -1.63 -15.24
N LYS A 115 -6.05 -1.04 -14.89
CA LYS A 115 -7.33 -1.42 -15.48
C LYS A 115 -7.61 -0.47 -16.64
N VAL A 116 -6.71 -0.50 -17.62
CA VAL A 116 -6.66 0.49 -18.69
C VAL A 116 -5.20 0.79 -19.04
C1 EDO B . 9.73 1.22 14.48
O1 EDO B . 10.44 2.41 14.91
C2 EDO B . 9.74 -0.01 15.43
O2 EDO B . 9.65 0.26 16.84
C1 EDO C . -2.69 15.23 -3.03
O1 EDO C . -1.40 15.27 -3.66
C2 EDO C . -2.65 15.72 -1.57
O2 EDO C . -1.38 16.29 -1.18
C1 EDO D . -9.60 -3.14 8.01
O1 EDO D . -8.98 -4.08 8.86
C2 EDO D . -10.18 -3.79 6.77
O2 EDO D . -10.85 -2.77 6.03
C1 EDO E . 0.46 -0.66 -18.01
O1 EDO E . 1.56 -1.22 -18.76
C2 EDO E . -0.90 -1.10 -18.57
O2 EDO E . -1.36 -2.26 -17.87
CAA 43C F . 6.82 6.84 13.83
CAT 43C F . 5.77 6.80 14.93
CAN 43C F . 5.17 7.88 15.43
NAR 43C F . 5.26 5.70 15.48
NAS 43C F . 4.40 6.06 16.29
NAZ 43C F . 4.31 7.39 16.31
CAO 43C F . 3.35 8.05 17.24
CAP 43C F . 2.23 8.72 16.44
NBA 43C F . 1.34 7.63 15.93
CAM 43C F . 0.38 7.11 16.66
NAQ 43C F . -0.25 6.13 15.98
CAX 43C F . 0.35 6.04 14.76
CAV 43C F . -0.08 5.16 13.83
CAG 43C F . -0.82 4.08 14.24
CAE 43C F . -1.37 3.15 13.38
CAD 43C F . -1.08 3.27 12.04
CAF 43C F . -0.31 4.33 11.60
CAH 43C F . 0.17 5.28 12.45
CAY 43C F . 1.36 6.96 14.72
CAW 43C F . 2.21 7.21 13.70
CAK 43C F . 2.99 6.16 13.15
CAI 43C F . 3.88 6.39 12.11
CAU 43C F . 4.01 7.66 11.58
CAC 43C F . 4.92 7.92 10.46
NAB 43C F . 5.61 8.09 9.60
CAJ 43C F . 3.24 8.72 12.09
CAL 43C F . 2.34 8.48 13.15
#